data_6EMF
#
_entry.id   6EMF
#
_cell.length_a   131.720
_cell.length_b   74.675
_cell.length_c   68.795
_cell.angle_alpha   90.000
_cell.angle_beta   90.530
_cell.angle_gamma   90.000
#
_symmetry.space_group_name_H-M   'C 1 2 1'
#
loop_
_entity.id
_entity.type
_entity.pdbx_description
1 polymer G0S4M2
2 non-polymer 1,2-ETHANEDIOL
3 non-polymer PROLINE
4 water water
#
_entity_poly.entity_id   1
_entity_poly.type   'polypeptide(L)'
_entity_poly.pdbx_seq_one_letter_code
;MTSQEKSMPFIKHLASSDRKVRTAALNSLHAFLSARQVASALTTLDVLKLWKGLFYALWMCDRAIPQQNLCNELADLIWQ
LPRESVATWLRGFWATMAREWTGIDVLRMEKFLLLVRRVLGASFKWMKKDGSLGKRTHDGQEKAVKTGAWDQSKVDEVLG
LLAEWPFSLAEEVRITQSSEKGGEIVQKIPVGMRLHVLDIWVDEVERVGLLNEDEEEARMIVQRISDMVDALEQTTKSPA
VRTRSKDSLGDDRLPANRRPNSSQDHDTKDMGDSDSWEGFDDGSHHHHHH
;
_entity_poly.pdbx_strand_id   A,B
#
loop_
_chem_comp.id
_chem_comp.type
_chem_comp.name
_chem_comp.formula
EDO non-polymer 1,2-ETHANEDIOL 'C2 H6 O2'
#
# COMPACT_ATOMS: atom_id res chain seq x y z
N LYS A 6 -12.74 -7.69 31.62
CA LYS A 6 -12.19 -6.64 30.77
C LYS A 6 -13.30 -5.79 30.17
N SER A 7 -13.27 -4.49 30.44
CA SER A 7 -14.25 -3.56 29.90
C SER A 7 -13.71 -2.95 28.61
N MET A 8 -14.36 -3.26 27.49
CA MET A 8 -14.02 -2.72 26.18
C MET A 8 -15.25 -2.04 25.60
N PRO A 9 -15.65 -0.91 26.19
CA PRO A 9 -16.95 -0.30 25.80
C PRO A 9 -16.98 0.24 24.39
N PHE A 10 -15.82 0.46 23.77
CA PHE A 10 -15.77 0.97 22.41
C PHE A 10 -16.18 -0.06 21.37
N ILE A 11 -16.24 -1.34 21.75
CA ILE A 11 -16.41 -2.41 20.77
C ILE A 11 -17.75 -2.28 20.05
N LYS A 12 -18.83 -2.10 20.81
CA LYS A 12 -20.15 -2.01 20.20
C LYS A 12 -20.29 -0.80 19.28
N HIS A 13 -19.49 0.24 19.48
CA HIS A 13 -19.57 1.44 18.65
C HIS A 13 -18.80 1.30 17.34
N LEU A 14 -17.99 0.25 17.19
CA LEU A 14 -17.34 0.01 15.91
C LEU A 14 -18.34 -0.37 14.83
N ALA A 15 -19.55 -0.79 15.20
CA ALA A 15 -20.60 -1.16 14.26
C ALA A 15 -21.59 -0.03 14.02
N SER A 16 -21.31 1.17 14.52
CA SER A 16 -22.23 2.29 14.33
C SER A 16 -22.36 2.65 12.86
N SER A 17 -23.56 3.10 12.47
CA SER A 17 -23.78 3.59 11.11
C SER A 17 -23.18 4.96 10.89
N ASP A 18 -22.74 5.63 11.95
CA ASP A 18 -22.05 6.91 11.90
C ASP A 18 -20.53 6.66 11.92
N ARG A 19 -19.86 7.03 10.82
CA ARG A 19 -18.45 6.68 10.61
C ARG A 19 -17.53 7.52 11.49
N LYS A 20 -18.01 8.66 11.96
CA LYS A 20 -17.30 9.40 12.98
C LYS A 20 -17.24 8.63 14.30
N VAL A 21 -18.35 7.94 14.63
CA VAL A 21 -18.37 7.11 15.83
C VAL A 21 -17.44 5.91 15.67
N ARG A 22 -17.43 5.31 14.47
CA ARG A 22 -16.52 4.19 14.22
C ARG A 22 -15.07 4.63 14.32
N THR A 23 -14.75 5.80 13.77
CA THR A 23 -13.38 6.31 13.84
C THR A 23 -12.96 6.54 15.29
N ALA A 24 -13.84 7.10 16.11
CA ALA A 24 -13.53 7.30 17.52
C ALA A 24 -13.40 5.96 18.25
N ALA A 25 -14.25 4.99 17.90
CA ALA A 25 -14.15 3.68 18.51
C ALA A 25 -12.83 3.00 18.17
N LEU A 26 -12.34 3.21 16.95
CA LEU A 26 -11.04 2.66 16.57
C LEU A 26 -9.92 3.28 17.38
N ASN A 27 -9.99 4.60 17.60
CA ASN A 27 -8.95 5.27 18.38
C ASN A 27 -8.94 4.80 19.82
N SER A 28 -10.11 4.54 20.39
CA SER A 28 -10.17 3.94 21.72
C SER A 28 -9.54 2.55 21.71
N LEU A 29 -9.72 1.80 20.63
CA LEU A 29 -9.11 0.48 20.52
C LEU A 29 -7.59 0.58 20.42
N HIS A 30 -7.09 1.56 19.64
CA HIS A 30 -5.65 1.79 19.59
C HIS A 30 -5.10 2.11 20.98
N ALA A 31 -5.78 3.00 21.70
CA ALA A 31 -5.33 3.33 23.05
C ALA A 31 -5.48 2.16 24.00
N PHE A 32 -6.55 1.37 23.84
CA PHE A 32 -6.74 0.20 24.68
C PHE A 32 -5.62 -0.81 24.49
N LEU A 33 -5.18 -1.02 23.24
CA LEU A 33 -4.09 -1.94 22.99
C LEU A 33 -2.77 -1.40 23.49
N SER A 34 -2.60 -0.07 23.49
CA SER A 34 -1.40 0.53 24.08
C SER A 34 -1.27 0.14 25.54
N ALA A 35 -2.26 0.51 26.35
CA ALA A 35 -2.28 0.21 27.78
C ALA A 35 -2.07 -1.28 28.07
N SER A 40 -4.12 -6.43 32.04
CA SER A 40 -3.49 -7.73 31.92
C SER A 40 -3.36 -8.15 30.45
N ALA A 41 -3.02 -9.41 30.23
CA ALA A 41 -2.83 -9.93 28.88
C ALA A 41 -4.16 -10.26 28.23
N LEU A 42 -4.18 -10.21 26.90
CA LEU A 42 -5.38 -10.53 26.14
C LEU A 42 -5.64 -12.03 26.16
N THR A 43 -6.90 -12.41 26.39
CA THR A 43 -7.29 -13.80 26.31
C THR A 43 -7.83 -14.12 24.92
N THR A 44 -8.02 -15.41 24.65
CA THR A 44 -8.65 -15.82 23.39
C THR A 44 -10.01 -15.19 23.24
N LEU A 45 -10.77 -15.10 24.32
CA LEU A 45 -12.09 -14.48 24.27
C LEU A 45 -12.01 -12.98 24.01
N ASP A 46 -10.97 -12.33 24.52
CA ASP A 46 -10.83 -10.89 24.31
C ASP A 46 -10.65 -10.54 22.84
N VAL A 47 -9.84 -11.33 22.12
CA VAL A 47 -9.55 -11.01 20.74
C VAL A 47 -10.69 -11.41 19.81
N LEU A 48 -11.47 -12.44 20.18
CA LEU A 48 -12.65 -12.76 19.40
C LEU A 48 -13.66 -11.62 19.44
N LYS A 49 -13.82 -10.97 20.60
CA LYS A 49 -14.70 -9.83 20.70
C LYS A 49 -14.14 -8.63 19.93
N LEU A 50 -12.83 -8.40 20.03
CA LEU A 50 -12.22 -7.27 19.34
C LEU A 50 -12.29 -7.45 17.83
N TRP A 51 -12.09 -8.67 17.34
CA TRP A 51 -12.06 -8.89 15.90
C TRP A 51 -13.46 -8.89 15.29
N LYS A 52 -14.48 -9.33 16.04
CA LYS A 52 -15.84 -9.19 15.54
C LYS A 52 -16.24 -7.73 15.43
N GLY A 53 -15.81 -6.90 16.39
CA GLY A 53 -16.03 -5.47 16.26
C GLY A 53 -15.28 -4.87 15.09
N LEU A 54 -14.03 -5.28 14.91
CA LEU A 54 -13.26 -4.81 13.76
C LEU A 54 -13.86 -5.33 12.45
N PHE A 55 -14.37 -6.57 12.45
CA PHE A 55 -15.04 -7.10 11.28
C PHE A 55 -16.19 -6.20 10.86
N TYR A 56 -17.07 -5.85 11.81
CA TYR A 56 -18.22 -5.02 11.50
C TYR A 56 -17.83 -3.58 11.20
N ALA A 57 -16.68 -3.11 11.69
CA ALA A 57 -16.22 -1.79 11.32
C ALA A 57 -15.90 -1.73 9.82
N LEU A 58 -15.32 -2.80 9.28
CA LEU A 58 -15.09 -2.87 7.84
C LEU A 58 -16.39 -3.15 7.10
N TRP A 59 -17.27 -3.96 7.69
CA TRP A 59 -18.56 -4.26 7.07
C TRP A 59 -19.35 -2.98 6.78
N MET A 60 -19.28 -2.01 7.69
CA MET A 60 -20.03 -0.77 7.52
C MET A 60 -19.34 0.23 6.60
N CYS A 61 -18.06 0.05 6.32
CA CYS A 61 -17.32 0.98 5.47
C CYS A 61 -17.75 0.80 4.02
N ASP A 62 -18.30 1.86 3.43
CA ASP A 62 -18.89 1.82 2.09
C ASP A 62 -18.00 2.37 1.00
N ARG A 63 -16.93 3.09 1.34
CA ARG A 63 -16.16 3.84 0.37
C ARG A 63 -14.81 3.17 0.10
N ALA A 64 -14.36 3.26 -1.16
CA ALA A 64 -13.23 2.46 -1.62
C ALA A 64 -11.94 2.85 -0.90
N ILE A 65 -11.68 4.13 -0.77
CA ILE A 65 -10.41 4.60 -0.18
C ILE A 65 -10.43 4.37 1.33
N PRO A 66 -11.49 4.72 2.07
CA PRO A 66 -11.51 4.36 3.50
C PRO A 66 -11.42 2.86 3.76
N GLN A 67 -11.94 2.03 2.85
CA GLN A 67 -11.77 0.59 3.02
C GLN A 67 -10.31 0.19 2.91
N GLN A 68 -9.59 0.77 1.96
CA GLN A 68 -8.19 0.42 1.77
C GLN A 68 -7.35 0.84 2.97
N ASN A 69 -7.63 2.03 3.52
CA ASN A 69 -6.92 2.47 4.72
C ASN A 69 -7.27 1.58 5.91
N LEU A 70 -8.54 1.22 6.05
CA LEU A 70 -8.97 0.43 7.19
C LEU A 70 -8.35 -0.96 7.19
N CYS A 71 -8.20 -1.56 6.00
CA CYS A 71 -7.54 -2.85 5.91
C CYS A 71 -6.08 -2.76 6.35
N ASN A 72 -5.37 -1.71 5.92
CA ASN A 72 -3.99 -1.53 6.34
C ASN A 72 -3.92 -1.18 7.82
N GLU A 73 -4.83 -0.34 8.31
CA GLU A 73 -4.89 -0.03 9.73
C GLU A 73 -5.10 -1.29 10.56
N LEU A 74 -6.01 -2.16 10.13
CA LEU A 74 -6.29 -3.38 10.88
C LEU A 74 -5.12 -4.35 10.83
N ALA A 75 -4.49 -4.50 9.67
CA ALA A 75 -3.34 -5.40 9.56
C ALA A 75 -2.15 -4.89 10.35
N ASP A 76 -1.98 -3.56 10.42
CA ASP A 76 -0.84 -2.98 11.12
C ASP A 76 -1.01 -2.94 12.63
N LEU A 77 -2.19 -3.30 13.14
CA LEU A 77 -2.37 -3.44 14.59
C LEU A 77 -1.38 -4.44 15.18
N ILE A 78 -0.83 -5.33 14.36
CA ILE A 78 0.09 -6.36 14.83
C ILE A 78 1.32 -5.73 15.47
N TRP A 79 1.73 -4.55 15.03
CA TRP A 79 2.93 -3.91 15.57
C TRP A 79 2.67 -3.23 16.91
N GLN A 80 1.42 -2.99 17.27
CA GLN A 80 1.06 -2.44 18.57
C GLN A 80 0.92 -3.51 19.64
N LEU A 81 1.07 -4.75 19.30
CA LEU A 81 0.76 -5.79 20.26
C LEU A 81 2.01 -6.29 20.97
N PRO A 82 1.88 -6.66 22.24
CA PRO A 82 2.98 -7.34 22.93
C PRO A 82 3.33 -8.64 22.23
N ARG A 83 4.62 -8.98 22.25
CA ARG A 83 5.10 -10.18 21.58
C ARG A 83 4.29 -11.41 21.97
N GLU A 84 3.86 -11.48 23.24
CA GLU A 84 3.19 -12.68 23.73
C GLU A 84 1.76 -12.82 23.22
N SER A 85 1.18 -11.76 22.65
CA SER A 85 -0.23 -11.76 22.27
C SER A 85 -0.45 -11.82 20.76
N VAL A 86 0.62 -11.76 19.95
CA VAL A 86 0.45 -11.66 18.50
C VAL A 86 -0.19 -12.92 17.94
N ALA A 87 0.31 -14.09 18.35
CA ALA A 87 -0.23 -15.34 17.83
C ALA A 87 -1.67 -15.56 18.29
N THR A 88 -1.98 -15.19 19.55
CA THR A 88 -3.37 -15.21 20.01
C THR A 88 -4.22 -14.25 19.20
N TRP A 89 -3.64 -13.10 18.83
CA TRP A 89 -4.37 -12.10 18.06
C TRP A 89 -4.68 -12.61 16.65
N LEU A 90 -3.71 -13.21 15.98
CA LEU A 90 -3.93 -13.69 14.63
C LEU A 90 -4.85 -14.91 14.60
N ARG A 91 -4.81 -15.75 15.64
CA ARG A 91 -5.78 -16.83 15.75
C ARG A 91 -7.19 -16.26 15.89
N GLY A 92 -7.34 -15.17 16.63
CA GLY A 92 -8.63 -14.52 16.71
C GLY A 92 -9.10 -13.99 15.36
N PHE A 93 -8.17 -13.52 14.54
CA PHE A 93 -8.53 -13.04 13.21
C PHE A 93 -9.03 -14.19 12.34
N TRP A 94 -8.27 -15.28 12.28
CA TRP A 94 -8.65 -16.40 11.41
C TRP A 94 -9.94 -17.06 11.91
N ALA A 95 -10.11 -17.19 13.22
CA ALA A 95 -11.36 -17.70 13.75
C ALA A 95 -12.52 -16.77 13.41
N THR A 96 -12.28 -15.46 13.44
CA THR A 96 -13.32 -14.51 13.08
C THR A 96 -13.71 -14.64 11.61
N MET A 97 -12.72 -14.63 10.71
CA MET A 97 -13.01 -14.77 9.30
C MET A 97 -13.65 -16.11 8.98
N ALA A 98 -13.20 -17.16 9.65
CA ALA A 98 -13.77 -18.49 9.41
C ALA A 98 -15.24 -18.54 9.82
N ARG A 99 -15.60 -17.91 10.93
CA ARG A 99 -16.98 -17.94 11.40
C ARG A 99 -17.87 -17.09 10.50
N GLU A 100 -17.36 -15.95 10.03
CA GLU A 100 -18.17 -14.97 9.32
C GLU A 100 -18.17 -15.15 7.80
N TRP A 101 -17.46 -16.15 7.28
CA TRP A 101 -17.18 -16.17 5.85
C TRP A 101 -18.43 -16.37 5.01
N THR A 102 -19.23 -17.38 5.34
CA THR A 102 -20.39 -17.70 4.50
C THR A 102 -21.49 -16.65 4.58
N GLY A 103 -21.40 -15.70 5.49
CA GLY A 103 -22.38 -14.63 5.60
C GLY A 103 -22.03 -13.36 4.85
N ILE A 104 -20.89 -13.33 4.17
CA ILE A 104 -20.45 -12.15 3.44
C ILE A 104 -21.03 -12.19 2.04
N ASP A 105 -21.85 -11.21 1.70
CA ASP A 105 -22.50 -11.19 0.40
C ASP A 105 -21.51 -10.84 -0.70
N VAL A 106 -21.95 -11.03 -1.94
CA VAL A 106 -21.11 -10.81 -3.11
C VAL A 106 -20.63 -9.36 -3.17
N LEU A 107 -21.46 -8.42 -2.72
CA LEU A 107 -21.10 -7.01 -2.82
C LEU A 107 -20.03 -6.62 -1.83
N ARG A 108 -19.97 -7.27 -0.67
CA ARG A 108 -19.05 -6.92 0.39
C ARG A 108 -17.83 -7.82 0.47
N MET A 109 -17.70 -8.78 -0.44
CA MET A 109 -16.62 -9.77 -0.33
C MET A 109 -15.26 -9.16 -0.62
N GLU A 110 -15.18 -8.23 -1.59
CA GLU A 110 -13.89 -7.77 -2.07
C GLU A 110 -13.07 -7.10 -0.98
N LYS A 111 -13.72 -6.31 -0.12
CA LYS A 111 -12.97 -5.63 0.94
C LYS A 111 -12.49 -6.61 2.01
N PHE A 112 -13.21 -7.72 2.19
CA PHE A 112 -12.75 -8.73 3.15
C PHE A 112 -11.67 -9.63 2.55
N LEU A 113 -11.69 -9.83 1.23
CA LEU A 113 -10.56 -10.48 0.58
C LEU A 113 -9.29 -9.65 0.73
N LEU A 114 -9.42 -8.32 0.63
CA LEU A 114 -8.27 -7.45 0.78
C LEU A 114 -7.78 -7.43 2.23
N LEU A 115 -8.71 -7.46 3.19
CA LEU A 115 -8.32 -7.51 4.60
C LEU A 115 -7.50 -8.75 4.89
N VAL A 116 -7.96 -9.91 4.41
CA VAL A 116 -7.22 -11.15 4.61
C VAL A 116 -5.82 -11.04 3.99
N ARG A 117 -5.73 -10.47 2.79
CA ARG A 117 -4.45 -10.34 2.12
C ARG A 117 -3.50 -9.48 2.93
N ARG A 118 -3.98 -8.34 3.44
CA ARG A 118 -3.10 -7.43 4.17
C ARG A 118 -2.71 -8.00 5.53
N VAL A 119 -3.66 -8.64 6.23
CA VAL A 119 -3.34 -9.27 7.50
C VAL A 119 -2.32 -10.38 7.30
N LEU A 120 -2.49 -11.18 6.25
CA LEU A 120 -1.47 -12.18 5.91
C LEU A 120 -0.16 -11.52 5.55
N GLY A 121 -0.20 -10.44 4.77
CA GLY A 121 1.02 -9.77 4.37
C GLY A 121 1.76 -9.14 5.54
N ALA A 122 1.01 -8.57 6.48
CA ALA A 122 1.64 -8.02 7.69
C ALA A 122 2.22 -9.14 8.54
N SER A 123 1.57 -10.30 8.59
CA SER A 123 2.09 -11.44 9.34
C SER A 123 3.44 -11.88 8.79
N PHE A 124 3.58 -11.93 7.46
CA PHE A 124 4.86 -12.28 6.86
C PHE A 124 5.93 -11.24 7.19
N LYS A 125 5.59 -9.96 7.03
CA LYS A 125 6.53 -8.89 7.36
C LYS A 125 6.91 -8.91 8.83
N TRP A 126 5.98 -9.34 9.69
CA TRP A 126 6.27 -9.45 11.12
C TRP A 126 7.31 -10.54 11.40
N MET A 127 7.37 -11.57 10.56
CA MET A 127 8.38 -12.61 10.73
C MET A 127 9.79 -12.09 10.51
N LYS A 128 9.94 -10.97 9.81
CA LYS A 128 11.25 -10.53 9.36
C LYS A 128 12.01 -9.78 10.45
N LYS A 129 13.33 -9.92 10.42
CA LYS A 129 14.23 -9.06 11.20
C LYS A 129 14.62 -7.86 10.35
N ASP A 130 14.67 -6.70 10.98
CA ASP A 130 15.11 -5.50 10.27
C ASP A 130 15.83 -4.55 11.22
N THR A 147 23.72 -12.31 10.05
CA THR A 147 23.17 -12.49 8.70
C THR A 147 21.90 -13.35 8.73
N GLY A 148 21.35 -13.52 9.93
CA GLY A 148 20.04 -14.14 10.07
C GLY A 148 18.94 -13.12 9.85
N ALA A 149 18.19 -13.27 8.75
CA ALA A 149 17.27 -12.24 8.31
C ALA A 149 15.83 -12.45 8.79
N TRP A 150 15.50 -13.61 9.35
CA TRP A 150 14.14 -13.90 9.77
C TRP A 150 14.14 -14.43 11.20
N ASP A 151 13.07 -14.12 11.94
CA ASP A 151 12.87 -14.58 13.31
C ASP A 151 12.14 -15.91 13.25
N GLN A 152 12.85 -17.00 13.58
CA GLN A 152 12.28 -18.33 13.43
C GLN A 152 11.16 -18.61 14.43
N SER A 153 11.19 -17.95 15.59
CA SER A 153 10.08 -18.12 16.53
C SER A 153 8.82 -17.45 16.02
N LYS A 154 8.97 -16.30 15.36
CA LYS A 154 7.82 -15.66 14.72
C LYS A 154 7.39 -16.42 13.48
N VAL A 155 8.33 -17.08 12.80
CA VAL A 155 7.98 -17.89 11.64
C VAL A 155 7.15 -19.10 12.07
N ASP A 156 7.55 -19.75 13.16
CA ASP A 156 6.79 -20.90 13.65
C ASP A 156 5.36 -20.51 14.02
N GLU A 157 5.17 -19.31 14.57
CA GLU A 157 3.84 -18.89 14.97
C GLU A 157 2.97 -18.54 13.76
N VAL A 158 3.54 -17.86 12.77
CA VAL A 158 2.77 -17.48 11.60
C VAL A 158 2.43 -18.70 10.75
N LEU A 159 3.42 -19.56 10.50
CA LEU A 159 3.19 -20.73 9.68
C LEU A 159 2.30 -21.74 10.39
N GLY A 160 2.44 -21.86 11.71
CA GLY A 160 1.56 -22.74 12.46
C GLY A 160 0.10 -22.33 12.36
N LEU A 161 -0.16 -21.03 12.20
CA LEU A 161 -1.53 -20.57 12.01
C LEU A 161 -2.03 -20.87 10.60
N LEU A 162 -1.14 -20.82 9.60
CA LEU A 162 -1.52 -21.29 8.28
C LEU A 162 -1.90 -22.77 8.32
N ALA A 163 -1.10 -23.58 9.03
CA ALA A 163 -1.45 -24.98 9.19
C ALA A 163 -2.72 -25.16 10.00
N GLU A 164 -3.05 -24.19 10.86
CA GLU A 164 -4.24 -24.35 11.69
C GLU A 164 -5.51 -23.94 10.97
N TRP A 165 -5.45 -22.98 10.03
CA TRP A 165 -6.70 -22.51 9.48
C TRP A 165 -6.81 -22.72 7.97
N PRO A 166 -6.17 -21.92 7.10
CA PRO A 166 -6.45 -22.10 5.67
C PRO A 166 -5.93 -23.41 5.10
N PHE A 167 -4.79 -23.90 5.61
CA PHE A 167 -4.17 -25.11 5.09
C PHE A 167 -4.37 -26.31 6.02
N SER A 168 -5.36 -26.24 6.92
CA SER A 168 -5.58 -27.29 7.88
C SER A 168 -6.05 -28.56 7.20
N LEU A 169 -5.47 -29.70 7.58
CA LEU A 169 -5.94 -30.99 7.12
C LEU A 169 -7.20 -31.42 7.85
N ALA A 170 -7.50 -30.82 8.99
CA ALA A 170 -8.77 -31.02 9.67
C ALA A 170 -9.80 -30.05 9.11
N GLU A 171 -11.07 -30.32 9.45
CA GLU A 171 -12.16 -29.47 8.97
C GLU A 171 -12.74 -28.56 10.04
N GLU A 172 -12.39 -28.75 11.32
CA GLU A 172 -12.82 -27.82 12.35
C GLU A 172 -11.70 -27.59 13.35
N VAL A 173 -11.81 -26.48 14.07
CA VAL A 173 -10.79 -26.01 15.01
C VAL A 173 -11.42 -25.89 16.39
N ARG A 174 -10.69 -26.34 17.42
CA ARG A 174 -11.15 -26.26 18.80
C ARG A 174 -10.48 -25.08 19.50
N ILE A 175 -11.29 -24.32 20.24
CA ILE A 175 -10.82 -23.08 20.85
C ILE A 175 -11.16 -23.08 22.34
N THR A 176 -10.38 -23.82 23.13
CA THR A 176 -10.60 -23.87 24.56
C THR A 176 -9.27 -23.76 25.32
N GLY A 183 -13.77 -29.38 22.82
CA GLY A 183 -13.56 -28.09 23.46
C GLY A 183 -14.83 -27.26 23.59
N GLU A 184 -14.68 -26.04 24.12
CA GLU A 184 -15.84 -25.18 24.32
C GLU A 184 -16.35 -24.59 23.01
N ILE A 185 -15.44 -24.09 22.18
CA ILE A 185 -15.80 -23.43 20.91
C ILE A 185 -15.13 -24.20 19.78
N VAL A 186 -15.94 -24.77 18.90
CA VAL A 186 -15.46 -25.51 17.74
C VAL A 186 -15.92 -24.79 16.48
N GLN A 187 -14.96 -24.41 15.63
CA GLN A 187 -15.23 -23.64 14.44
C GLN A 187 -14.88 -24.45 13.20
N LYS A 188 -15.84 -24.58 12.29
CA LYS A 188 -15.62 -25.25 11.02
C LYS A 188 -14.97 -24.29 10.03
N ILE A 189 -13.97 -24.77 9.31
CA ILE A 189 -13.20 -23.95 8.37
C ILE A 189 -13.95 -23.85 7.03
N PRO A 190 -14.41 -22.67 6.63
CA PRO A 190 -15.09 -22.54 5.35
C PRO A 190 -14.14 -22.73 4.17
N VAL A 191 -14.66 -23.33 3.10
CA VAL A 191 -13.82 -23.66 1.97
C VAL A 191 -13.41 -22.40 1.20
N GLY A 192 -14.25 -21.38 1.19
CA GLY A 192 -13.91 -20.15 0.48
C GLY A 192 -12.71 -19.44 1.10
N MET A 193 -12.49 -19.62 2.40
CA MET A 193 -11.33 -19.03 3.04
C MET A 193 -10.04 -19.72 2.61
N ARG A 194 -10.07 -21.06 2.50
CA ARG A 194 -8.92 -21.77 1.95
C ARG A 194 -8.63 -21.31 0.53
N LEU A 195 -9.67 -21.22 -0.29
CA LEU A 195 -9.48 -20.90 -1.71
C LEU A 195 -8.85 -19.52 -1.89
N HIS A 196 -9.24 -18.56 -1.05
CA HIS A 196 -8.66 -17.22 -1.16
C HIS A 196 -7.19 -17.21 -0.77
N VAL A 197 -6.85 -17.87 0.34
CA VAL A 197 -5.46 -17.92 0.79
C VAL A 197 -4.60 -18.65 -0.24
N LEU A 198 -5.15 -19.69 -0.88
CA LEU A 198 -4.45 -20.37 -1.95
C LEU A 198 -4.22 -19.48 -3.16
N ASP A 199 -5.03 -18.44 -3.35
CA ASP A 199 -4.87 -17.54 -4.47
C ASP A 199 -3.77 -16.51 -4.26
N ILE A 200 -3.42 -16.22 -3.01
CA ILE A 200 -2.61 -15.05 -2.68
C ILE A 200 -1.32 -15.37 -1.97
N TRP A 201 -1.10 -16.62 -1.54
CA TRP A 201 0.05 -16.89 -0.69
C TRP A 201 1.38 -16.72 -1.43
N VAL A 202 1.39 -16.97 -2.74
CA VAL A 202 2.60 -16.69 -3.51
C VAL A 202 2.77 -15.19 -3.69
N ASP A 203 1.66 -14.48 -3.94
CA ASP A 203 1.70 -13.02 -4.03
C ASP A 203 2.36 -12.42 -2.78
N GLU A 204 1.96 -12.90 -1.61
CA GLU A 204 2.37 -12.25 -0.36
C GLU A 204 3.73 -12.72 0.13
N VAL A 205 4.18 -13.92 -0.25
CA VAL A 205 5.56 -14.28 0.06
C VAL A 205 6.51 -13.55 -0.88
N GLU A 206 6.07 -13.25 -2.10
CA GLU A 206 6.90 -12.48 -3.01
C GLU A 206 7.02 -11.03 -2.55
N ARG A 207 5.94 -10.47 -2.03
CA ARG A 207 5.93 -9.05 -1.66
C ARG A 207 6.93 -8.76 -0.54
N VAL A 208 7.07 -9.69 0.42
CA VAL A 208 8.00 -9.49 1.52
C VAL A 208 9.41 -9.96 1.20
N GLY A 209 9.65 -10.45 -0.01
CA GLY A 209 10.98 -10.83 -0.43
C GLY A 209 11.38 -12.26 -0.14
N LEU A 210 10.42 -13.15 0.13
CA LEU A 210 10.75 -14.54 0.46
C LEU A 210 11.09 -15.37 -0.77
N LEU A 211 10.80 -14.87 -1.98
CA LEU A 211 11.10 -15.61 -3.20
C LEU A 211 12.51 -15.34 -3.72
N ASN A 212 13.41 -14.80 -2.90
CA ASN A 212 14.77 -14.55 -3.34
C ASN A 212 15.51 -15.88 -3.39
N GLU A 213 15.82 -16.35 -4.61
CA GLU A 213 16.45 -17.64 -4.75
C GLU A 213 17.79 -17.74 -4.02
N ASP A 214 18.39 -16.62 -3.63
CA ASP A 214 19.74 -16.63 -3.08
C ASP A 214 19.78 -16.63 -1.56
N GLU A 215 18.64 -16.66 -0.90
CA GLU A 215 18.58 -16.76 0.56
C GLU A 215 18.29 -18.21 0.94
N GLU A 216 19.20 -18.82 1.70
CA GLU A 216 18.90 -20.14 2.25
C GLU A 216 17.77 -20.06 3.26
N GLU A 217 17.77 -19.01 4.09
CA GLU A 217 16.72 -18.86 5.10
C GLU A 217 15.35 -18.68 4.47
N ALA A 218 15.28 -17.95 3.34
CA ALA A 218 14.00 -17.68 2.72
C ALA A 218 13.46 -18.92 2.01
N ARG A 219 14.32 -19.68 1.34
CA ARG A 219 13.87 -20.85 0.61
C ARG A 219 13.31 -21.93 1.53
N MET A 220 13.86 -22.05 2.74
CA MET A 220 13.31 -22.99 3.70
C MET A 220 11.89 -22.60 4.11
N ILE A 221 11.65 -21.30 4.30
CA ILE A 221 10.32 -20.83 4.68
C ILE A 221 9.32 -21.10 3.58
N VAL A 222 9.71 -20.85 2.32
CA VAL A 222 8.82 -21.13 1.20
C VAL A 222 8.57 -22.63 1.10
N GLN A 223 9.59 -23.45 1.37
CA GLN A 223 9.42 -24.89 1.34
C GLN A 223 8.44 -25.37 2.40
N ARG A 224 8.54 -24.80 3.61
CA ARG A 224 7.63 -25.18 4.68
C ARG A 224 6.19 -24.82 4.34
N ILE A 225 5.98 -23.69 3.65
CA ILE A 225 4.64 -23.34 3.21
C ILE A 225 4.19 -24.24 2.07
N SER A 226 5.12 -24.55 1.15
CA SER A 226 4.78 -25.43 0.03
C SER A 226 4.41 -26.82 0.53
N ASP A 227 5.11 -27.32 1.55
CA ASP A 227 4.77 -28.61 2.11
C ASP A 227 3.37 -28.63 2.70
N MET A 228 2.96 -27.52 3.32
CA MET A 228 1.60 -27.44 3.86
C MET A 228 0.57 -27.49 2.74
N VAL A 229 0.83 -26.80 1.63
CA VAL A 229 -0.11 -26.82 0.51
C VAL A 229 -0.08 -28.18 -0.19
N ASP A 230 1.10 -28.77 -0.31
CA ASP A 230 1.21 -30.10 -0.90
C ASP A 230 0.44 -31.13 -0.08
N ALA A 231 0.57 -31.06 1.25
CA ALA A 231 -0.19 -31.96 2.11
C ALA A 231 -1.69 -31.72 1.95
N LEU A 232 -2.08 -30.46 1.74
CA LEU A 232 -3.50 -30.16 1.56
C LEU A 232 -4.04 -30.78 0.28
N GLU A 233 -3.28 -30.71 -0.83
CA GLU A 233 -3.74 -31.29 -2.09
C GLU A 233 -3.85 -32.80 -2.00
N GLN A 234 -3.00 -33.44 -1.21
CA GLN A 234 -3.00 -34.90 -1.14
C GLN A 234 -4.23 -35.41 -0.40
N THR A 235 -4.69 -34.68 0.62
CA THR A 235 -5.71 -35.17 1.53
C THR A 235 -7.09 -34.59 1.28
N THR A 236 -7.19 -33.41 0.67
CA THR A 236 -8.45 -32.68 0.67
C THR A 236 -9.54 -33.44 -0.08
N LYS A 237 -10.76 -33.37 0.46
CA LYS A 237 -11.95 -33.90 -0.20
C LYS A 237 -12.42 -32.99 -1.32
N SER A 238 -12.10 -31.70 -1.26
CA SER A 238 -12.68 -30.72 -2.16
C SER A 238 -11.88 -30.66 -3.46
N PRO A 239 -12.49 -30.94 -4.61
CA PRO A 239 -11.76 -30.75 -5.88
C PRO A 239 -11.34 -29.33 -6.13
N ALA A 240 -12.13 -28.34 -5.67
CA ALA A 240 -11.73 -26.95 -5.81
C ALA A 240 -10.45 -26.67 -5.03
N VAL A 241 -10.40 -27.10 -3.77
CA VAL A 241 -9.19 -26.95 -2.96
C VAL A 241 -8.05 -27.74 -3.59
N ARG A 242 -8.33 -28.97 -4.03
CA ARG A 242 -7.31 -29.79 -4.69
C ARG A 242 -6.75 -29.08 -5.92
N THR A 243 -7.61 -28.44 -6.70
CA THR A 243 -7.15 -27.80 -7.93
C THR A 243 -6.36 -26.53 -7.63
N ARG A 244 -6.82 -25.71 -6.69
CA ARG A 244 -6.11 -24.48 -6.37
C ARG A 244 -4.76 -24.77 -5.72
N SER A 245 -4.72 -25.77 -4.84
CA SER A 245 -3.44 -26.18 -4.24
C SER A 245 -2.45 -26.61 -5.31
N LYS A 246 -2.88 -27.52 -6.19
CA LYS A 246 -2.04 -27.93 -7.31
C LYS A 246 -1.63 -26.75 -8.17
N ASP A 247 -2.56 -25.84 -8.45
CA ASP A 247 -2.27 -24.68 -9.28
C ASP A 247 -1.19 -23.80 -8.66
N SER A 248 -1.38 -23.43 -7.39
CA SER A 248 -0.44 -22.52 -6.75
C SER A 248 0.94 -23.15 -6.57
N LEU A 249 1.00 -24.48 -6.48
CA LEU A 249 2.30 -25.14 -6.38
C LEU A 249 3.06 -25.14 -7.69
N GLY A 250 2.36 -24.97 -8.82
CA GLY A 250 3.01 -24.87 -10.11
C GLY A 250 3.40 -23.47 -10.52
N ASP A 251 3.08 -22.48 -9.68
CA ASP A 251 3.42 -21.08 -9.92
C ASP A 251 4.85 -20.92 -10.40
N ASP A 252 5.02 -20.24 -11.53
CA ASP A 252 6.35 -20.06 -12.12
C ASP A 252 7.26 -19.22 -11.23
N ARG A 253 6.71 -18.48 -10.28
CA ARG A 253 7.52 -17.66 -9.39
C ARG A 253 8.24 -18.47 -8.31
N LEU A 254 7.77 -19.68 -8.04
CA LEU A 254 8.36 -20.47 -6.96
C LEU A 254 9.75 -20.95 -7.36
N PRO A 255 10.76 -20.77 -6.51
CA PRO A 255 12.12 -21.21 -6.88
C PRO A 255 12.22 -22.69 -7.20
N ALA A 256 11.40 -23.53 -6.57
CA ALA A 256 11.40 -24.96 -6.87
C ALA A 256 10.98 -25.28 -8.30
N ASN A 257 10.49 -24.28 -9.04
CA ASN A 257 10.02 -24.48 -10.41
C ASN A 257 10.92 -23.82 -11.44
N ARG A 258 12.08 -23.32 -11.05
CA ARG A 258 12.91 -22.50 -11.92
C ARG A 258 14.31 -23.09 -12.06
N ARG A 259 14.88 -22.96 -13.26
CA ARG A 259 16.19 -23.48 -13.61
C ARG A 259 16.25 -25.00 -13.46
N LYS B 6 29.10 15.09 -9.44
CA LYS B 6 28.75 13.90 -8.66
C LYS B 6 28.90 12.62 -9.48
N SER B 7 29.52 11.60 -8.88
CA SER B 7 29.53 10.28 -9.47
C SER B 7 28.27 9.54 -9.04
N MET B 8 27.48 9.11 -10.01
CA MET B 8 26.30 8.28 -9.78
C MET B 8 26.36 7.07 -10.70
N PRO B 9 27.35 6.21 -10.50
CA PRO B 9 27.61 5.13 -11.47
C PRO B 9 26.52 4.07 -11.49
N PHE B 10 25.65 4.02 -10.48
CA PHE B 10 24.58 3.05 -10.45
C PHE B 10 23.46 3.39 -11.42
N ILE B 11 23.41 4.63 -11.91
CA ILE B 11 22.24 5.10 -12.64
C ILE B 11 22.03 4.29 -13.92
N LYS B 12 23.10 4.10 -14.70
CA LYS B 12 22.97 3.37 -15.96
C LYS B 12 22.58 1.92 -15.75
N HIS B 13 22.85 1.35 -14.57
CA HIS B 13 22.51 -0.04 -14.31
C HIS B 13 21.06 -0.23 -13.86
N LEU B 14 20.35 0.85 -13.56
CA LEU B 14 18.93 0.72 -13.25
C LEU B 14 18.10 0.28 -14.45
N ALA B 15 18.64 0.43 -15.67
CA ALA B 15 17.96 0.03 -16.88
C ALA B 15 18.39 -1.34 -17.39
N SER B 16 19.21 -2.05 -16.63
CA SER B 16 19.67 -3.36 -17.06
C SER B 16 18.50 -4.32 -17.24
N SER B 17 18.62 -5.20 -18.23
CA SER B 17 17.64 -6.27 -18.39
C SER B 17 17.81 -7.38 -17.36
N ASP B 18 18.84 -7.31 -16.52
CA ASP B 18 19.08 -8.30 -15.47
C ASP B 18 18.41 -7.81 -14.19
N ARG B 19 17.54 -8.64 -13.62
CA ARG B 19 16.72 -8.21 -12.48
C ARG B 19 17.56 -7.93 -11.26
N LYS B 20 18.68 -8.62 -11.10
CA LYS B 20 19.49 -8.46 -9.90
C LYS B 20 20.45 -7.28 -9.98
N VAL B 21 20.84 -6.89 -11.18
CA VAL B 21 21.66 -5.69 -11.33
C VAL B 21 20.82 -4.45 -11.06
N ARG B 22 19.55 -4.45 -11.50
CA ARG B 22 18.65 -3.35 -11.19
C ARG B 22 18.45 -3.20 -9.69
N THR B 23 18.26 -4.32 -8.99
CA THR B 23 18.06 -4.26 -7.54
C THR B 23 19.31 -3.76 -6.83
N ALA B 24 20.49 -4.18 -7.30
CA ALA B 24 21.73 -3.67 -6.71
C ALA B 24 21.90 -2.19 -7.01
N ALA B 25 21.49 -1.75 -8.21
CA ALA B 25 21.57 -0.33 -8.54
C ALA B 25 20.63 0.48 -7.65
N LEU B 26 19.47 -0.07 -7.32
CA LEU B 26 18.55 0.62 -6.42
C LEU B 26 19.15 0.74 -5.03
N ASN B 27 19.80 -0.32 -4.55
CA ASN B 27 20.41 -0.28 -3.22
C ASN B 27 21.54 0.76 -3.16
N SER B 28 22.33 0.86 -4.24
CA SER B 28 23.32 1.92 -4.31
C SER B 28 22.67 3.29 -4.26
N LEU B 29 21.51 3.43 -4.92
CA LEU B 29 20.79 4.70 -4.90
C LEU B 29 20.28 5.02 -3.50
N HIS B 30 19.73 4.02 -2.80
CA HIS B 30 19.32 4.22 -1.41
C HIS B 30 20.50 4.67 -0.55
N ALA B 31 21.65 4.00 -0.72
CA ALA B 31 22.83 4.38 0.05
C ALA B 31 23.36 5.74 -0.38
N PHE B 32 23.31 6.04 -1.68
CA PHE B 32 23.76 7.34 -2.17
C PHE B 32 22.94 8.47 -1.55
N LEU B 33 21.61 8.30 -1.51
CA LEU B 33 20.75 9.33 -0.95
C LEU B 33 20.85 9.39 0.57
N SER B 34 21.15 8.25 1.22
CA SER B 34 21.19 8.21 2.67
C SER B 34 22.20 9.18 3.24
N ALA B 35 23.29 9.43 2.53
CA ALA B 35 24.24 10.46 2.92
C ALA B 35 23.56 11.82 2.87
N ARG B 36 23.20 12.36 4.04
CA ARG B 36 22.42 13.59 4.10
C ARG B 36 23.16 14.77 3.51
N GLN B 37 24.49 14.80 3.65
CA GLN B 37 25.26 15.86 3.02
C GLN B 37 25.18 15.77 1.49
N VAL B 38 25.09 14.55 0.95
CA VAL B 38 25.03 14.38 -0.49
C VAL B 38 23.67 14.84 -1.02
N ALA B 39 22.59 14.46 -0.33
CA ALA B 39 21.25 14.74 -0.82
C ALA B 39 20.92 16.23 -0.70
N SER B 40 21.57 16.95 0.21
CA SER B 40 21.36 18.39 0.33
C SER B 40 21.91 19.16 -0.85
N ALA B 41 22.88 18.58 -1.58
CA ALA B 41 23.52 19.25 -2.70
C ALA B 41 22.96 18.82 -4.06
N LEU B 42 21.88 18.04 -4.06
CA LEU B 42 21.30 17.57 -5.32
C LEU B 42 20.81 18.74 -6.15
N THR B 43 21.35 18.86 -7.37
CA THR B 43 20.93 19.89 -8.30
C THR B 43 19.74 19.38 -9.12
N THR B 44 19.17 20.29 -9.91
CA THR B 44 18.06 19.91 -10.79
C THR B 44 18.49 18.85 -11.80
N LEU B 45 19.71 18.98 -12.34
CA LEU B 45 20.20 18.00 -13.28
C LEU B 45 20.45 16.65 -12.61
N ASP B 46 20.87 16.67 -11.34
CA ASP B 46 21.08 15.41 -10.61
C ASP B 46 19.80 14.60 -10.53
N VAL B 47 18.69 15.24 -10.16
CA VAL B 47 17.45 14.50 -9.95
C VAL B 47 16.81 14.12 -11.28
N LEU B 48 17.05 14.91 -12.34
CA LEU B 48 16.59 14.50 -13.66
C LEU B 48 17.29 13.21 -14.11
N LYS B 49 18.60 13.12 -13.87
CA LYS B 49 19.32 11.88 -14.14
C LYS B 49 18.80 10.74 -13.29
N LEU B 50 18.55 11.01 -12.00
CA LEU B 50 18.14 9.95 -11.08
C LEU B 50 16.73 9.46 -11.39
N TRP B 51 15.82 10.38 -11.73
CA TRP B 51 14.45 9.97 -12.01
C TRP B 51 14.32 9.31 -13.39
N LYS B 52 15.20 9.66 -14.33
CA LYS B 52 15.23 8.93 -15.59
C LYS B 52 15.64 7.48 -15.37
N GLY B 53 16.66 7.26 -14.53
CA GLY B 53 17.04 5.90 -14.19
C GLY B 53 15.94 5.16 -13.44
N LEU B 54 15.29 5.85 -12.50
CA LEU B 54 14.18 5.24 -11.78
C LEU B 54 12.99 4.98 -12.70
N PHE B 55 12.76 5.87 -13.67
CA PHE B 55 11.69 5.63 -14.65
C PHE B 55 11.95 4.33 -15.40
N TYR B 56 13.16 4.14 -15.90
CA TYR B 56 13.47 2.96 -16.68
C TYR B 56 13.59 1.71 -15.82
N ALA B 57 13.80 1.87 -14.51
CA ALA B 57 13.78 0.72 -13.61
C ALA B 57 12.38 0.14 -13.49
N LEU B 58 11.37 1.00 -13.30
CA LEU B 58 9.99 0.55 -13.35
C LEU B 58 9.62 0.09 -14.76
N TRP B 59 10.27 0.67 -15.77
CA TRP B 59 9.97 0.30 -17.15
CA TRP B 59 9.99 0.31 -17.16
C TRP B 59 10.38 -1.14 -17.43
N MET B 60 11.49 -1.60 -16.87
CA MET B 60 11.94 -2.97 -17.07
C MET B 60 11.15 -3.98 -16.24
N CYS B 61 10.48 -3.53 -15.19
CA CYS B 61 9.74 -4.43 -14.31
C CYS B 61 8.45 -4.87 -14.99
N ASP B 62 8.32 -6.17 -15.24
N ASP B 62 8.32 -6.17 -15.24
CA ASP B 62 7.17 -6.75 -15.92
CA ASP B 62 7.16 -6.73 -15.90
C ASP B 62 6.30 -7.58 -14.99
C ASP B 62 6.37 -7.66 -15.01
N ARG B 63 6.64 -7.69 -13.71
CA ARG B 63 5.92 -8.52 -12.77
C ARG B 63 5.04 -7.67 -11.88
N ALA B 64 3.83 -8.16 -11.58
CA ALA B 64 2.82 -7.34 -10.93
C ALA B 64 3.25 -6.91 -9.54
N ILE B 65 3.60 -7.86 -8.68
CA ILE B 65 3.92 -7.56 -7.29
C ILE B 65 5.21 -6.74 -7.20
N PRO B 66 6.28 -7.09 -7.92
CA PRO B 66 7.45 -6.19 -7.92
C PRO B 66 7.15 -4.79 -8.44
N GLN B 67 6.20 -4.63 -9.36
CA GLN B 67 5.82 -3.30 -9.79
C GLN B 67 5.17 -2.51 -8.67
N GLN B 68 4.30 -3.16 -7.89
CA GLN B 68 3.63 -2.49 -6.79
C GLN B 68 4.62 -2.09 -5.71
N ASN B 69 5.57 -2.98 -5.39
CA ASN B 69 6.60 -2.63 -4.41
C ASN B 69 7.48 -1.49 -4.91
N LEU B 70 7.85 -1.54 -6.20
CA LEU B 70 8.77 -0.54 -6.75
C LEU B 70 8.13 0.85 -6.77
N CYS B 71 6.82 0.91 -7.04
CA CYS B 71 6.13 2.19 -7.00
C CYS B 71 6.13 2.76 -5.59
N ASN B 72 5.88 1.91 -4.58
CA ASN B 72 5.95 2.37 -3.21
C ASN B 72 7.37 2.70 -2.80
N GLU B 73 8.33 1.89 -3.21
CA GLU B 73 9.74 2.17 -2.94
C GLU B 73 10.15 3.52 -3.52
N LEU B 74 9.71 3.82 -4.74
CA LEU B 74 10.08 5.07 -5.38
C LEU B 74 9.39 6.26 -4.73
N ALA B 75 8.11 6.10 -4.37
CA ALA B 75 7.39 7.19 -3.72
C ALA B 75 7.91 7.46 -2.31
N ASP B 76 8.39 6.42 -1.63
CA ASP B 76 8.84 6.57 -0.25
C ASP B 76 10.25 7.14 -0.16
N LEU B 77 10.97 7.26 -1.27
CA LEU B 77 12.28 7.91 -1.26
C LEU B 77 12.20 9.32 -0.70
N ILE B 78 11.01 9.94 -0.72
CA ILE B 78 10.83 11.30 -0.23
C ILE B 78 11.24 11.40 1.24
N TRP B 79 11.11 10.32 2.00
CA TRP B 79 11.43 10.36 3.42
C TRP B 79 12.93 10.23 3.70
N GLN B 80 13.70 9.71 2.75
CA GLN B 80 15.15 9.64 2.89
C GLN B 80 15.83 10.96 2.56
N LEU B 81 15.09 11.98 2.20
CA LEU B 81 15.65 13.23 1.74
C LEU B 81 15.68 14.27 2.84
N PRO B 82 16.66 15.17 2.82
CA PRO B 82 16.65 16.29 3.75
C PRO B 82 15.56 17.29 3.37
N ARG B 83 15.22 18.13 4.34
CA ARG B 83 14.03 18.98 4.22
C ARG B 83 14.08 19.87 2.98
N GLU B 84 15.28 20.34 2.60
CA GLU B 84 15.42 21.30 1.53
C GLU B 84 15.53 20.68 0.15
N SER B 85 15.70 19.36 0.04
CA SER B 85 15.87 18.69 -1.24
C SER B 85 14.59 18.05 -1.76
N VAL B 86 13.50 18.10 -1.00
CA VAL B 86 12.28 17.39 -1.37
C VAL B 86 11.63 18.05 -2.59
N ALA B 87 11.50 19.38 -2.57
CA ALA B 87 10.82 20.08 -3.66
C ALA B 87 11.59 19.95 -4.97
N THR B 88 12.92 20.04 -4.92
CA THR B 88 13.72 19.79 -6.11
C THR B 88 13.52 18.36 -6.61
N TRP B 89 13.41 17.41 -5.69
CA TRP B 89 13.28 16.01 -6.06
C TRP B 89 11.92 15.74 -6.71
N LEU B 90 10.85 16.33 -6.18
CA LEU B 90 9.53 16.11 -6.76
C LEU B 90 9.38 16.82 -8.10
N ARG B 91 10.01 17.98 -8.26
CA ARG B 91 10.01 18.63 -9.56
C ARG B 91 10.75 17.78 -10.59
N GLY B 92 11.81 17.09 -10.16
CA GLY B 92 12.46 16.14 -11.04
C GLY B 92 11.54 15.02 -11.46
N PHE B 93 10.69 14.55 -10.54
CA PHE B 93 9.73 13.52 -10.87
C PHE B 93 8.72 14.01 -11.91
N TRP B 94 8.12 15.18 -11.66
CA TRP B 94 7.09 15.68 -12.56
C TRP B 94 7.67 16.04 -13.93
N ALA B 95 8.89 16.60 -13.95
CA ALA B 95 9.54 16.88 -15.23
C ALA B 95 9.83 15.59 -15.98
N THR B 96 10.23 14.53 -15.27
CA THR B 96 10.51 13.26 -15.91
C THR B 96 9.24 12.65 -16.48
N MET B 97 8.17 12.59 -15.69
CA MET B 97 6.91 12.05 -16.18
C MET B 97 6.36 12.87 -17.33
N ALA B 98 6.50 14.20 -17.25
CA ALA B 98 6.02 15.06 -18.32
C ALA B 98 6.77 14.80 -19.63
N ARG B 99 8.10 14.70 -19.55
CA ARG B 99 8.90 14.42 -20.74
C ARG B 99 8.56 13.07 -21.34
N GLU B 100 8.31 12.08 -20.47
CA GLU B 100 8.24 10.68 -20.88
C GLU B 100 6.82 10.19 -21.14
N TRP B 101 5.81 11.04 -20.99
CA TRP B 101 4.43 10.55 -20.93
C TRP B 101 3.98 9.95 -22.25
N THR B 102 4.10 10.71 -23.34
CA THR B 102 3.57 10.24 -24.62
C THR B 102 4.37 9.10 -25.21
N GLY B 103 5.52 8.75 -24.64
CA GLY B 103 6.32 7.63 -25.08
C GLY B 103 5.93 6.29 -24.50
N ILE B 104 4.88 6.25 -23.68
CA ILE B 104 4.46 5.04 -23.00
C ILE B 104 3.33 4.40 -23.78
N ASP B 105 3.45 3.09 -24.03
CA ASP B 105 2.45 2.38 -24.79
C ASP B 105 1.26 2.00 -23.92
N VAL B 106 0.23 1.46 -24.56
CA VAL B 106 -0.99 1.11 -23.85
C VAL B 106 -0.72 0.00 -22.84
N LEU B 107 0.18 -0.93 -23.17
CA LEU B 107 0.40 -2.10 -22.33
C LEU B 107 1.19 -1.78 -21.08
N ARG B 108 2.08 -0.79 -21.12
CA ARG B 108 2.97 -0.50 -20.01
C ARG B 108 2.51 0.67 -19.14
N MET B 109 1.35 1.25 -19.43
CA MET B 109 0.99 2.52 -18.81
C MET B 109 0.48 2.36 -17.39
N GLU B 110 -0.23 1.28 -17.09
CA GLU B 110 -0.91 1.15 -15.79
C GLU B 110 0.07 1.21 -14.63
N LYS B 111 1.28 0.66 -14.79
CA LYS B 111 2.25 0.74 -13.71
C LYS B 111 2.79 2.17 -13.54
N PHE B 112 2.77 2.97 -14.60
CA PHE B 112 3.18 4.36 -14.48
C PHE B 112 2.07 5.24 -13.93
N LEU B 113 0.81 4.89 -14.21
CA LEU B 113 -0.30 5.55 -13.53
C LEU B 113 -0.26 5.28 -12.03
N LEU B 114 0.15 4.06 -11.64
CA LEU B 114 0.25 3.73 -10.23
C LEU B 114 1.42 4.47 -9.58
N LEU B 115 2.55 4.61 -10.28
CA LEU B 115 3.67 5.34 -9.74
C LEU B 115 3.30 6.79 -9.47
N VAL B 116 2.61 7.43 -10.42
CA VAL B 116 2.17 8.81 -10.23
C VAL B 116 1.29 8.92 -8.99
N ARG B 117 0.36 7.97 -8.84
CA ARG B 117 -0.57 8.03 -7.69
C ARG B 117 0.18 7.93 -6.38
N ARG B 118 1.13 6.99 -6.27
CA ARG B 118 1.84 6.79 -5.01
C ARG B 118 2.76 7.97 -4.71
N VAL B 119 3.44 8.49 -5.73
CA VAL B 119 4.31 9.66 -5.51
C VAL B 119 3.47 10.86 -5.08
N LEU B 120 2.33 11.08 -5.74
CA LEU B 120 1.42 12.13 -5.30
C LEU B 120 0.91 11.86 -3.90
N GLY B 121 0.55 10.61 -3.60
CA GLY B 121 0.05 10.28 -2.27
C GLY B 121 1.09 10.50 -1.19
N ALA B 122 2.35 10.11 -1.46
CA ALA B 122 3.42 10.36 -0.51
C ALA B 122 3.68 11.85 -0.34
N SER B 123 3.49 12.63 -1.40
CA SER B 123 3.67 14.08 -1.29
C SER B 123 2.65 14.68 -0.32
N PHE B 124 1.40 14.22 -0.38
CA PHE B 124 0.39 14.67 0.57
C PHE B 124 0.71 14.21 1.98
N LYS B 125 1.07 12.92 2.13
CA LYS B 125 1.49 12.39 3.42
C LYS B 125 2.65 13.20 4.00
N TRP B 126 3.52 13.72 3.14
CA TRP B 126 4.67 14.49 3.58
C TRP B 126 4.29 15.88 4.07
N MET B 127 3.16 16.42 3.59
CA MET B 127 2.69 17.72 4.07
C MET B 127 2.31 17.67 5.54
N LYS B 128 1.95 16.48 6.06
CA LYS B 128 1.55 16.36 7.45
C LYS B 128 2.73 16.66 8.38
N LYS B 129 2.43 17.21 9.55
CA LYS B 129 3.51 17.55 10.45
C LYS B 129 4.05 16.29 11.13
N ASP B 130 5.20 16.46 11.79
CA ASP B 130 6.10 15.34 12.06
C ASP B 130 5.48 14.25 12.92
N GLY B 131 4.39 14.54 13.63
CA GLY B 131 3.66 13.46 14.29
C GLY B 131 3.16 12.43 13.30
N SER B 132 2.50 12.90 12.24
CA SER B 132 2.05 12.05 11.12
C SER B 132 1.21 10.87 11.59
N THR B 147 0.27 24.29 17.28
CA THR B 147 0.22 25.04 16.03
C THR B 147 -0.84 24.46 15.09
N GLY B 148 -0.57 23.27 14.56
CA GLY B 148 -1.50 22.64 13.64
C GLY B 148 -1.01 21.26 13.27
N ALA B 149 -1.89 20.53 12.57
CA ALA B 149 -1.59 19.17 12.14
C ALA B 149 -0.83 19.10 10.84
N TRP B 150 -0.79 20.19 10.08
CA TRP B 150 -0.13 20.21 8.78
C TRP B 150 0.96 21.28 8.76
N ASP B 151 2.02 20.98 8.02
CA ASP B 151 3.14 21.89 7.81
C ASP B 151 2.86 22.71 6.55
N GLN B 152 2.56 24.01 6.74
CA GLN B 152 2.11 24.85 5.65
C GLN B 152 3.25 25.25 4.71
N SER B 153 4.50 25.16 5.19
CA SER B 153 5.63 25.33 4.28
C SER B 153 5.76 24.12 3.35
N LYS B 154 5.51 22.93 3.89
CA LYS B 154 5.45 21.74 3.04
C LYS B 154 4.21 21.74 2.16
N VAL B 155 3.11 22.30 2.65
CA VAL B 155 1.91 22.44 1.84
C VAL B 155 2.16 23.37 0.67
N ASP B 156 2.84 24.50 0.93
CA ASP B 156 3.15 25.44 -0.15
C ASP B 156 3.98 24.78 -1.24
N GLU B 157 4.95 23.94 -0.85
CA GLU B 157 5.82 23.31 -1.83
C GLU B 157 5.09 22.25 -2.64
N VAL B 158 4.27 21.43 -1.98
CA VAL B 158 3.55 20.38 -2.70
C VAL B 158 2.49 20.97 -3.62
N LEU B 159 1.69 21.90 -3.09
CA LEU B 159 0.66 22.53 -3.91
C LEU B 159 1.26 23.41 -4.99
N GLY B 160 2.38 24.07 -4.70
CA GLY B 160 3.05 24.84 -5.74
C GLY B 160 3.52 23.97 -6.89
N LEU B 161 3.88 22.72 -6.61
CA LEU B 161 4.28 21.81 -7.69
C LEU B 161 3.05 21.35 -8.49
N LEU B 162 1.92 21.16 -7.81
CA LEU B 162 0.67 20.93 -8.54
C LEU B 162 0.36 22.08 -9.48
N ALA B 163 0.56 23.31 -9.01
CA ALA B 163 0.36 24.47 -9.87
C ALA B 163 1.43 24.56 -10.95
N GLU B 164 2.61 23.97 -10.71
CA GLU B 164 3.66 24.04 -11.71
C GLU B 164 3.50 22.97 -12.79
N TRP B 165 2.84 21.85 -12.49
CA TRP B 165 2.83 20.79 -13.50
C TRP B 165 1.41 20.37 -13.89
N PRO B 166 0.72 19.48 -13.18
CA PRO B 166 -0.53 18.97 -13.75
C PRO B 166 -1.62 20.02 -13.86
N PHE B 167 -1.67 20.98 -12.93
CA PHE B 167 -2.68 22.02 -12.92
C PHE B 167 -2.15 23.34 -13.45
N SER B 168 -1.04 23.32 -14.17
CA SER B 168 -0.42 24.56 -14.62
C SER B 168 -1.29 25.25 -15.67
N LEU B 169 -1.48 26.56 -15.50
CA LEU B 169 -2.15 27.37 -16.50
C LEU B 169 -1.25 27.67 -17.68
N ALA B 170 0.05 27.46 -17.55
CA ALA B 170 0.97 27.50 -18.68
C ALA B 170 1.05 26.12 -19.33
N GLU B 171 1.54 26.08 -20.56
CA GLU B 171 1.65 24.83 -21.30
C GLU B 171 3.07 24.28 -21.32
N GLU B 172 4.06 25.05 -20.89
CA GLU B 172 5.42 24.53 -20.76
C GLU B 172 6.07 25.11 -19.52
N VAL B 173 7.08 24.40 -19.01
CA VAL B 173 7.78 24.75 -17.79
C VAL B 173 9.26 24.91 -18.12
N ARG B 174 9.86 25.98 -17.61
CA ARG B 174 11.26 26.30 -17.86
C ARG B 174 12.11 25.83 -16.68
N ILE B 175 13.12 25.02 -16.97
CA ILE B 175 13.94 24.40 -15.93
C ILE B 175 15.38 24.86 -16.08
N THR B 176 15.58 26.16 -16.27
CA THR B 176 16.92 26.73 -16.41
C THR B 176 17.70 26.63 -15.10
N GLY B 183 14.90 29.25 -19.67
CA GLY B 183 15.44 29.39 -21.01
C GLY B 183 16.26 28.18 -21.44
N GLU B 184 16.83 27.49 -20.46
CA GLU B 184 17.75 26.40 -20.76
C GLU B 184 17.00 25.13 -21.17
N ILE B 185 16.20 24.60 -20.26
CA ILE B 185 15.41 23.39 -20.52
C ILE B 185 13.94 23.74 -20.38
N VAL B 186 13.18 23.60 -21.46
CA VAL B 186 11.77 23.90 -21.51
C VAL B 186 11.02 22.61 -21.79
N GLN B 187 10.12 22.24 -20.89
CA GLN B 187 9.36 20.99 -21.01
C GLN B 187 7.88 21.30 -21.20
N LYS B 188 7.28 20.73 -22.23
CA LYS B 188 5.84 20.86 -22.45
C LYS B 188 5.08 19.86 -21.59
N ILE B 189 3.96 20.30 -21.04
CA ILE B 189 3.16 19.48 -20.12
C ILE B 189 2.22 18.61 -20.98
N PRO B 190 2.37 17.29 -20.97
CA PRO B 190 1.44 16.45 -21.74
C PRO B 190 0.06 16.45 -21.12
N VAL B 191 -0.95 16.39 -21.98
CA VAL B 191 -2.34 16.50 -21.51
C VAL B 191 -2.75 15.25 -20.73
N GLY B 192 -2.22 14.08 -21.10
CA GLY B 192 -2.58 12.86 -20.40
C GLY B 192 -2.11 12.87 -18.95
N MET B 193 -1.04 13.61 -18.64
CA MET B 193 -0.60 13.73 -17.27
C MET B 193 -1.58 14.56 -16.44
N ARG B 194 -2.09 15.65 -17.02
CA ARG B 194 -3.13 16.41 -16.34
C ARG B 194 -4.36 15.55 -16.09
N LEU B 195 -4.80 14.80 -17.10
CA LEU B 195 -6.03 14.03 -17.00
C LEU B 195 -5.92 12.98 -15.90
N HIS B 196 -4.76 12.35 -15.76
CA HIS B 196 -4.60 11.32 -14.73
C HIS B 196 -4.63 11.93 -13.34
N VAL B 197 -3.91 13.04 -13.14
CA VAL B 197 -3.92 13.71 -11.84
C VAL B 197 -5.32 14.19 -11.50
N LEU B 198 -6.08 14.64 -12.50
CA LEU B 198 -7.47 15.03 -12.26
C LEU B 198 -8.32 13.83 -11.86
N ASP B 199 -7.94 12.62 -12.29
CA ASP B 199 -8.69 11.43 -11.97
C ASP B 199 -8.48 10.95 -10.54
N ILE B 200 -7.39 11.35 -9.90
CA ILE B 200 -6.95 10.72 -8.66
C ILE B 200 -6.77 11.69 -7.50
N TRP B 201 -6.82 13.01 -7.73
CA TRP B 201 -6.42 13.92 -6.66
C TRP B 201 -7.40 13.90 -5.49
N VAL B 202 -8.68 13.60 -5.74
CA VAL B 202 -9.62 13.46 -4.64
C VAL B 202 -9.36 12.15 -3.88
N ASP B 203 -9.04 11.08 -4.62
CA ASP B 203 -8.67 9.82 -3.99
C ASP B 203 -7.53 10.03 -2.99
N GLU B 204 -6.49 10.76 -3.41
CA GLU B 204 -5.28 10.86 -2.61
C GLU B 204 -5.35 11.91 -1.52
N VAL B 205 -6.21 12.92 -1.65
CA VAL B 205 -6.44 13.80 -0.51
C VAL B 205 -7.30 13.09 0.54
N GLU B 206 -8.22 12.22 0.10
CA GLU B 206 -9.01 11.46 1.04
C GLU B 206 -8.16 10.45 1.80
N ARG B 207 -7.18 9.85 1.12
CA ARG B 207 -6.38 8.79 1.75
C ARG B 207 -5.57 9.32 2.91
N VAL B 208 -5.06 10.55 2.81
CA VAL B 208 -4.26 11.14 3.87
C VAL B 208 -5.10 11.87 4.92
N GLY B 209 -6.43 11.82 4.80
CA GLY B 209 -7.30 12.40 5.80
C GLY B 209 -7.64 13.87 5.61
N LEU B 210 -7.55 14.38 4.37
CA LEU B 210 -7.78 15.79 4.11
C LEU B 210 -9.25 16.13 3.87
N LEU B 211 -10.11 15.13 3.66
CA LEU B 211 -11.52 15.36 3.47
C LEU B 211 -12.30 15.45 4.78
N ASN B 212 -11.59 15.55 5.90
CA ASN B 212 -12.21 15.75 7.20
C ASN B 212 -12.82 17.15 7.25
N GLU B 213 -14.15 17.23 7.20
CA GLU B 213 -14.81 18.52 7.26
C GLU B 213 -14.71 19.18 8.63
N ASP B 214 -14.30 18.43 9.65
CA ASP B 214 -14.37 18.94 11.02
C ASP B 214 -13.16 19.81 11.38
N GLU B 215 -12.02 19.59 10.75
CA GLU B 215 -10.82 20.36 11.04
C GLU B 215 -10.63 21.44 9.98
N GLU B 216 -10.44 22.69 10.44
CA GLU B 216 -10.36 23.82 9.53
C GLU B 216 -9.09 23.79 8.69
N GLU B 217 -8.02 23.22 9.23
CA GLU B 217 -6.74 23.21 8.52
C GLU B 217 -6.83 22.41 7.24
N ALA B 218 -7.59 21.31 7.24
CA ALA B 218 -7.70 20.48 6.05
C ALA B 218 -8.65 21.08 5.03
N ARG B 219 -9.72 21.75 5.49
CA ARG B 219 -10.66 22.37 4.57
C ARG B 219 -10.00 23.47 3.76
N MET B 220 -9.06 24.18 4.38
CA MET B 220 -8.32 25.22 3.64
C MET B 220 -7.44 24.61 2.57
N ILE B 221 -6.81 23.47 2.85
CA ILE B 221 -5.92 22.83 1.88
C ILE B 221 -6.72 22.31 0.69
N VAL B 222 -7.85 21.67 0.95
CA VAL B 222 -8.68 21.15 -0.13
C VAL B 222 -9.22 22.30 -0.98
N GLN B 223 -9.53 23.43 -0.34
CA GLN B 223 -10.00 24.61 -1.08
C GLN B 223 -8.91 25.14 -2.00
N ARG B 224 -7.67 25.21 -1.51
CA ARG B 224 -6.57 25.70 -2.34
C ARG B 224 -6.34 24.80 -3.55
N ILE B 225 -6.54 23.49 -3.40
CA ILE B 225 -6.43 22.59 -4.54
C ILE B 225 -7.64 22.75 -5.45
N SER B 226 -8.83 22.89 -4.88
CA SER B 226 -10.03 23.06 -5.68
C SER B 226 -9.96 24.35 -6.52
N ASP B 227 -9.40 25.41 -5.94
CA ASP B 227 -9.23 26.65 -6.70
C ASP B 227 -8.29 26.46 -7.88
N MET B 228 -7.24 25.65 -7.69
CA MET B 228 -6.32 25.37 -8.79
C MET B 228 -7.02 24.63 -9.92
N VAL B 229 -7.90 23.69 -9.57
CA VAL B 229 -8.64 22.95 -10.59
C VAL B 229 -9.71 23.83 -11.22
N ASP B 230 -10.39 24.64 -10.40
CA ASP B 230 -11.36 25.59 -10.94
C ASP B 230 -10.69 26.56 -11.90
N ALA B 231 -9.50 27.06 -11.55
CA ALA B 231 -8.78 27.93 -12.47
C ALA B 231 -8.42 27.19 -13.75
N LEU B 232 -8.08 25.91 -13.64
CA LEU B 232 -7.75 25.12 -14.83
C LEU B 232 -8.96 24.98 -15.75
N GLU B 233 -10.15 24.80 -15.17
CA GLU B 233 -11.34 24.64 -15.99
C GLU B 233 -11.72 25.94 -16.68
N GLN B 234 -11.56 27.07 -15.98
CA GLN B 234 -11.79 28.37 -16.62
C GLN B 234 -10.85 28.57 -17.80
N THR B 235 -9.59 28.21 -17.63
CA THR B 235 -8.52 28.65 -18.51
C THR B 235 -8.27 27.70 -19.69
N THR B 236 -8.43 26.40 -19.48
CA THR B 236 -7.86 25.42 -20.39
C THR B 236 -8.46 25.51 -21.79
N LYS B 237 -7.60 25.28 -22.79
CA LYS B 237 -8.01 25.13 -24.17
C LYS B 237 -8.60 23.76 -24.46
N SER B 238 -8.23 22.75 -23.67
CA SER B 238 -8.58 21.38 -23.97
C SER B 238 -9.96 21.04 -23.43
N PRO B 239 -10.92 20.64 -24.26
CA PRO B 239 -12.20 20.17 -23.72
C PRO B 239 -12.06 18.98 -22.80
N ALA B 240 -11.13 18.07 -23.11
CA ALA B 240 -10.92 16.91 -22.26
C ALA B 240 -10.50 17.32 -20.86
N VAL B 241 -9.56 18.25 -20.75
CA VAL B 241 -9.17 18.77 -19.44
C VAL B 241 -10.33 19.52 -18.80
N ARG B 242 -11.10 20.27 -19.60
CA ARG B 242 -12.22 21.03 -19.07
C ARG B 242 -13.28 20.11 -18.49
N THR B 243 -13.61 19.03 -19.21
CA THR B 243 -14.58 18.06 -18.71
C THR B 243 -14.07 17.39 -17.44
N ARG B 244 -12.80 16.97 -17.44
CA ARG B 244 -12.28 16.21 -16.32
C ARG B 244 -12.15 17.08 -15.07
N SER B 245 -11.69 18.33 -15.23
CA SER B 245 -11.61 19.23 -14.09
C SER B 245 -12.98 19.52 -13.51
N LYS B 246 -13.99 19.66 -14.38
CA LYS B 246 -15.34 19.90 -13.90
C LYS B 246 -15.93 18.65 -13.26
N ASP B 247 -15.60 17.46 -13.79
CA ASP B 247 -16.06 16.22 -13.14
C ASP B 247 -15.52 16.11 -11.73
N SER B 248 -14.19 16.28 -11.58
CA SER B 248 -13.57 16.10 -10.28
C SER B 248 -14.03 17.15 -9.27
N LEU B 249 -14.39 18.35 -9.73
CA LEU B 249 -14.90 19.36 -8.82
C LEU B 249 -16.30 19.03 -8.32
N GLY B 250 -17.07 18.22 -9.06
CA GLY B 250 -18.38 17.82 -8.60
C GLY B 250 -18.40 16.61 -7.69
N ASP B 251 -17.24 15.99 -7.48
CA ASP B 251 -17.09 14.81 -6.63
C ASP B 251 -17.83 14.98 -5.31
N ASP B 252 -18.73 14.03 -5.01
CA ASP B 252 -19.58 14.14 -3.84
C ASP B 252 -18.79 14.02 -2.53
N ARG B 253 -17.56 13.54 -2.58
CA ARG B 253 -16.74 13.47 -1.37
C ARG B 253 -16.20 14.82 -0.95
N LEU B 254 -16.19 15.80 -1.85
CA LEU B 254 -15.65 17.11 -1.51
C LEU B 254 -16.59 17.81 -0.53
N PRO B 255 -16.08 18.34 0.58
CA PRO B 255 -16.96 19.00 1.57
C PRO B 255 -17.77 20.14 0.97
N ALA B 256 -17.29 20.79 -0.08
CA ALA B 256 -18.04 21.86 -0.72
C ALA B 256 -19.31 21.38 -1.39
N ASN B 257 -19.48 20.06 -1.55
CA ASN B 257 -20.66 19.48 -2.18
C ASN B 257 -21.53 18.73 -1.17
N ARG B 258 -21.38 19.01 0.12
CA ARG B 258 -22.11 18.27 1.15
C ARG B 258 -22.79 19.20 2.14
C1 EDO C . -11.68 -3.14 -2.40
O1 EDO C . -11.75 -2.59 -1.09
C2 EDO C . -10.72 -2.30 -3.25
O2 EDO C . -11.08 -0.92 -3.11
C1 EDO D . -8.19 -9.33 -4.45
O1 EDO D . -7.70 -10.55 -3.88
C2 EDO D . -8.28 -8.28 -3.35
O2 EDO D . -7.04 -8.21 -2.64
C1 EDO E . -3.42 -5.96 -4.54
O1 EDO E . -3.47 -5.18 -3.34
C2 EDO E . -2.20 -6.89 -4.48
O2 EDO E . -2.05 -7.58 -5.73
C1 EDO F . -19.05 -2.58 0.69
O1 EDO F . -20.08 -1.83 1.35
C2 EDO F . -19.25 -2.53 -0.82
O2 EDO F . -18.90 -1.23 -1.30
C1 EDO G . 11.54 -14.03 21.29
O1 EDO G . 11.60 -15.40 20.86
C2 EDO G . 12.18 -13.15 20.23
O2 EDO G . 11.35 -13.11 19.06
N PRO H . 0.86 -2.86 -2.01
CA PRO H . -0.10 -1.89 -2.55
C PRO H . 0.22 -1.47 -3.97
O PRO H . -0.32 -2.01 -4.93
CB PRO H . 0.03 -0.72 -1.58
CG PRO H . 0.37 -1.36 -0.27
CD PRO H . 1.18 -2.60 -0.59
OXT PRO H . 1.03 -0.56 -4.20
N PRO I . 17.33 13.89 -18.61
CA PRO I . 18.67 13.72 -19.19
C PRO I . 19.74 13.48 -18.12
O PRO I . 20.63 12.65 -18.28
CB PRO I . 18.90 15.04 -19.93
CG PRO I . 18.14 16.03 -19.12
CD PRO I . 16.94 15.31 -18.56
OXT PRO I . 19.73 14.14 -17.08
C1 EDO J . -5.29 2.54 -5.07
O1 EDO J . -4.47 1.43 -5.44
C2 EDO J . -6.59 2.49 -5.85
O2 EDO J . -7.49 3.48 -5.34
C1 EDO K . -4.68 3.48 -11.74
O1 EDO K . -5.54 4.57 -12.06
C2 EDO K . -4.34 3.54 -10.25
O2 EDO K . -2.97 3.17 -10.06
#